data_9I5Q
#
_entry.id   9I5Q
#
_cell.length_a   155.391
_cell.length_b   155.391
_cell.length_c   126.766
_cell.angle_alpha   90.000
_cell.angle_beta   90.000
_cell.angle_gamma   90.000
#
_symmetry.space_group_name_H-M   'I 4 2 2'
#
loop_
_entity.id
_entity.type
_entity.pdbx_description
1 polymer Cholinesterase
2 branched alpha-L-fucopyranose-(1-6)-2-acetamido-2-deoxy-beta-D-glucopyranose
3 branched 2-acetamido-2-deoxy-beta-D-glucopyranose-(1-4)-[alpha-L-fucopyranose-(1-6)]2-acetamido-2-deoxy-beta-D-glucopyranose
4 non-polymer 2-acetamido-2-deoxy-beta-D-glucopyranose
5 non-polymer GLYCEROL
6 non-polymer 5-[2,4-bis(fluoranyl)phenoxy]-2-(cyclohexylmethyl)-~{N}-[2-[(3~{R})-3-(methoxymethyl)piperidin-1-yl]ethyl]indazole-6-carboxamide
7 non-polymer '2-(N-MORPHOLINO)-ETHANESULFONIC ACID'
8 non-polymer 'SULFATE ION'
9 non-polymer 'CHLORIDE ION'
10 water water
#
_entity_poly.entity_id   1
_entity_poly.type   'polypeptide(L)'
_entity_poly.pdbx_seq_one_letter_code
;EDDIIIATKNGKVRGMQLTVFGGTVTAFLGIPYAQPPLGRLRFKKPQSLTKWSDIWNATKYANSCCQNIDQSFPGFHGSE
MWNPNTDLSEDCLYLNVWIPAPKPKNATVLIWIYGGGFQTGTSSLHVYDGKFLARVERVIVVSMNYRVGALGFLALPGNP
EAPGNMGLFDQQLALQWVQKNIAAFGGNPKSVTLFGESAGAASVSLHLLSPGSHSLFTRAILQSGSFNAPWAVTSLYEAR
NRTLNLAKLTGCSRENETEIIKCLRNKDPQEILLNEAFVVPYGTPLSVNFGPTVDGDFLTDMPDILLELGQFKKTQILVG
VNKDEGTAFLVYGAPGFSKDNNSIITRKEFQEGLKIFFPGVSEFGKESILFHYTDWVDDQRPENYREALGDVVGDYNFIC
PALEFTKKFSEWGNNAFFYYFEHRSSKLPWPEWMGVMHGYEIEFVFGLPLERRDQYTKAEEILSRSIVKRWANFAKYGNP
QETQNQSTSWPVFKSTEQKYLTLNTESTRIMTKLRAQQCRFWTSFFPKV
;
_entity_poly.pdbx_strand_id   A
#
# COMPACT_ATOMS: atom_id res chain seq x y z
N ASP A 3 5.46 -25.43 23.69
CA ASP A 3 5.77 -24.05 24.04
C ASP A 3 6.95 -23.53 23.22
N ILE A 4 6.73 -22.47 22.44
CA ILE A 4 7.75 -21.94 21.55
C ILE A 4 8.15 -20.54 22.03
N ILE A 5 9.44 -20.37 22.33
CA ILE A 5 9.98 -19.11 22.82
C ILE A 5 11.27 -18.82 22.06
N ILE A 6 11.35 -17.62 21.48
CA ILE A 6 12.52 -17.21 20.73
C ILE A 6 13.24 -16.13 21.53
N ALA A 7 14.56 -16.24 21.59
CA ALA A 7 15.38 -15.17 22.15
C ALA A 7 15.65 -14.13 21.07
N THR A 8 15.18 -12.90 21.28
CA THR A 8 15.50 -11.81 20.39
C THR A 8 16.53 -10.90 21.04
N LYS A 9 17.06 -9.97 20.26
CA LYS A 9 18.10 -9.06 20.75
C LYS A 9 17.62 -8.18 21.90
N ASN A 10 16.31 -8.04 22.08
CA ASN A 10 15.78 -7.20 23.15
C ASN A 10 15.03 -7.98 24.22
N GLY A 11 14.98 -9.29 24.13
CA GLY A 11 14.32 -10.09 25.13
C GLY A 11 13.66 -11.29 24.51
N LYS A 12 13.13 -12.16 25.38
CA LYS A 12 12.44 -13.34 24.92
C LYS A 12 11.01 -13.02 24.53
N VAL A 13 10.51 -13.75 23.54
CA VAL A 13 9.13 -13.62 23.07
C VAL A 13 8.54 -15.02 22.93
N ARG A 14 7.26 -15.15 23.30
CA ARG A 14 6.54 -16.41 23.22
C ARG A 14 5.46 -16.32 22.15
N GLY A 15 5.33 -17.38 21.35
CA GLY A 15 4.39 -17.42 20.26
C GLY A 15 3.22 -18.36 20.52
N MET A 16 2.53 -18.70 19.43
CA MET A 16 1.40 -19.62 19.47
C MET A 16 1.43 -20.50 18.23
N GLN A 17 0.85 -21.69 18.34
CA GLN A 17 0.78 -22.61 17.23
C GLN A 17 -0.60 -22.55 16.59
N LEU A 18 -0.64 -22.66 15.27
CA LEU A 18 -1.89 -22.62 14.53
C LEU A 18 -1.96 -23.81 13.61
N THR A 19 -3.15 -24.41 13.52
CA THR A 19 -3.36 -25.46 12.54
C THR A 19 -3.72 -24.79 11.24
N VAL A 20 -2.97 -25.11 10.18
CA VAL A 20 -3.29 -24.62 8.85
C VAL A 20 -3.12 -25.77 7.88
N PHE A 21 -4.18 -26.11 7.17
CA PHE A 21 -4.17 -27.16 6.15
C PHE A 21 -3.52 -28.42 6.69
N GLY A 22 -3.96 -28.85 7.87
CA GLY A 22 -3.42 -30.04 8.47
C GLY A 22 -1.96 -29.96 8.83
N GLY A 23 -1.42 -28.75 8.94
CA GLY A 23 -0.06 -28.56 9.40
C GLY A 23 0.00 -27.54 10.51
N THR A 24 1.19 -27.04 10.82
CA THR A 24 1.36 -26.13 11.94
C THR A 24 2.12 -24.89 11.47
N VAL A 25 1.64 -23.72 11.85
CA VAL A 25 2.38 -22.47 11.69
C VAL A 25 2.58 -21.87 13.07
N THR A 26 3.76 -21.31 13.32
CA THR A 26 4.01 -20.57 14.54
C THR A 26 3.83 -19.08 14.29
N ALA A 27 2.98 -18.45 15.07
CA ALA A 27 2.64 -17.04 14.92
C ALA A 27 3.15 -16.27 16.14
N PHE A 28 3.83 -15.16 15.88
CA PHE A 28 4.24 -14.21 16.90
C PHE A 28 3.52 -12.91 16.56
N LEU A 29 2.42 -12.63 17.25
CA LEU A 29 1.59 -11.46 16.99
C LEU A 29 1.91 -10.37 18.01
N GLY A 30 2.17 -9.17 17.53
CA GLY A 30 2.33 -8.04 18.43
C GLY A 30 3.68 -7.95 19.13
N ILE A 31 4.79 -8.15 18.41
CA ILE A 31 6.12 -7.89 18.96
C ILE A 31 6.40 -6.39 18.84
N PRO A 32 6.77 -5.70 19.92
CA PRO A 32 7.08 -4.27 19.77
C PRO A 32 8.44 -4.11 19.12
N TYR A 33 8.57 -3.05 18.33
CA TYR A 33 9.85 -2.79 17.69
C TYR A 33 10.36 -1.38 17.93
N ALA A 34 9.74 -0.63 18.84
CA ALA A 34 10.16 0.75 19.08
C ALA A 34 9.58 1.25 20.39
N GLN A 35 10.24 2.25 20.96
CA GLN A 35 9.64 2.96 22.08
C GLN A 35 8.30 3.54 21.63
N PRO A 36 7.23 3.34 22.38
CA PRO A 36 5.93 3.92 22.00
C PRO A 36 6.02 5.43 21.86
N PRO A 37 5.57 5.97 20.73
CA PRO A 37 5.81 7.37 20.40
C PRO A 37 4.77 8.28 21.04
N LEU A 38 4.84 8.35 22.37
CA LEU A 38 3.89 9.09 23.19
C LEU A 38 4.58 10.26 23.89
N GLY A 39 3.78 11.25 24.25
CA GLY A 39 4.28 12.36 25.04
C GLY A 39 5.17 13.26 24.22
N ARG A 40 6.37 13.51 24.71
CA ARG A 40 7.36 14.27 23.97
C ARG A 40 7.91 13.51 22.75
N LEU A 41 7.51 12.24 22.56
CA LEU A 41 7.90 11.45 21.40
C LEU A 41 6.88 11.49 20.26
N ARG A 42 5.67 11.98 20.51
CA ARG A 42 4.72 12.16 19.41
C ARG A 42 5.29 13.11 18.37
N PHE A 43 5.16 12.73 17.10
CA PHE A 43 5.64 13.43 15.90
C PHE A 43 7.16 13.26 15.66
N LYS A 44 7.91 12.62 16.54
CA LYS A 44 9.32 12.43 16.26
C LYS A 44 9.57 11.07 15.62
N LYS A 45 10.78 10.90 15.07
CA LYS A 45 11.22 9.65 14.50
C LYS A 45 11.08 8.55 15.54
N PRO A 46 10.85 7.31 15.14
CA PRO A 46 10.77 6.22 16.12
C PRO A 46 12.09 5.99 16.82
N GLN A 47 12.02 5.83 18.14
CA GLN A 47 13.19 5.63 18.99
C GLN A 47 13.38 4.15 19.30
N SER A 48 14.64 3.74 19.42
CA SER A 48 15.01 2.35 19.60
C SER A 48 14.43 1.79 20.89
N LEU A 49 14.43 0.47 21.00
CA LEU A 49 13.70 -0.23 22.04
C LEU A 49 14.63 -0.64 23.17
N THR A 50 14.21 -0.31 24.40
CA THR A 50 14.92 -0.73 25.59
C THR A 50 14.61 -2.19 25.89
N LYS A 51 15.65 -2.97 26.16
CA LYS A 51 15.50 -4.41 26.30
C LYS A 51 14.62 -4.76 27.49
N TRP A 52 13.96 -5.91 27.41
CA TRP A 52 13.18 -6.45 28.51
C TRP A 52 13.73 -7.81 28.91
N SER A 53 13.49 -8.18 30.16
CA SER A 53 13.97 -9.46 30.69
C SER A 53 12.88 -10.51 30.79
N ASP A 54 11.61 -10.11 30.80
CA ASP A 54 10.49 -11.02 30.92
C ASP A 54 10.38 -11.85 29.64
N ILE A 55 9.29 -12.62 29.52
CA ILE A 55 8.92 -13.25 28.26
C ILE A 55 7.72 -12.47 27.73
N TRP A 56 7.95 -11.72 26.66
CA TRP A 56 6.87 -11.02 26.00
C TRP A 56 5.93 -12.04 25.35
N ASN A 57 4.66 -12.02 25.74
CA ASN A 57 3.67 -12.93 25.16
C ASN A 57 3.17 -12.30 23.87
N ALA A 58 3.73 -12.73 22.74
CA ALA A 58 3.31 -12.22 21.43
C ALA A 58 2.17 -13.10 20.91
N THR A 59 1.03 -12.98 21.59
CA THR A 59 -0.06 -13.93 21.37
C THR A 59 -1.37 -13.26 20.99
N LYS A 60 -1.36 -11.98 20.61
CA LYS A 60 -2.53 -11.34 20.03
C LYS A 60 -2.06 -10.09 19.29
N TYR A 61 -2.82 -9.73 18.26
CA TYR A 61 -2.51 -8.51 17.51
C TYR A 61 -2.47 -7.31 18.45
N ALA A 62 -1.56 -6.38 18.19
CA ALA A 62 -1.46 -5.22 19.06
C ALA A 62 -2.45 -4.14 18.62
N ASN A 63 -2.45 -3.03 19.35
CA ASN A 63 -3.23 -1.86 18.95
C ASN A 63 -2.89 -1.43 17.54
N SER A 64 -3.89 -1.02 16.78
CA SER A 64 -3.66 -0.27 15.55
C SER A 64 -3.37 1.19 15.87
N CYS A 65 -2.64 1.86 14.97
CA CYS A 65 -2.37 3.27 15.15
C CYS A 65 -3.63 4.11 14.98
N CYS A 66 -3.66 5.26 15.67
CA CYS A 66 -4.77 6.20 15.59
C CYS A 66 -5.08 6.57 14.14
N GLN A 67 -6.37 6.66 13.82
CA GLN A 67 -6.79 6.96 12.46
C GLN A 67 -8.30 7.23 12.46
N ASN A 68 -8.74 8.02 11.48
CA ASN A 68 -10.14 8.14 11.17
C ASN A 68 -10.63 6.90 10.42
N ILE A 69 -11.88 6.51 10.67
CA ILE A 69 -12.43 5.25 10.19
C ILE A 69 -13.39 5.53 9.05
N ASP A 70 -13.39 4.66 8.05
CA ASP A 70 -14.40 4.72 7.00
C ASP A 70 -15.78 4.39 7.59
N GLN A 71 -16.61 5.42 7.79
CA GLN A 71 -17.97 5.26 8.27
C GLN A 71 -19.01 5.57 7.19
N SER A 72 -18.62 5.44 5.92
CA SER A 72 -19.51 5.72 4.79
C SER A 72 -20.56 4.64 4.55
N PHE A 73 -20.33 3.39 4.98
CA PHE A 73 -21.31 2.31 4.74
C PHE A 73 -21.45 1.44 5.99
N PRO A 74 -22.07 2.00 7.04
CA PRO A 74 -22.26 1.23 8.29
C PRO A 74 -22.92 -0.11 8.02
N GLY A 75 -22.38 -1.16 8.64
CA GLY A 75 -22.91 -2.51 8.54
C GLY A 75 -22.57 -3.25 7.27
N PHE A 76 -21.81 -2.64 6.36
CA PHE A 76 -21.50 -3.20 5.05
C PHE A 76 -20.10 -3.81 5.10
N HIS A 77 -20.02 -5.11 4.82
CA HIS A 77 -18.74 -5.82 4.96
C HIS A 77 -17.71 -5.32 3.95
N GLY A 78 -18.16 -4.88 2.77
CA GLY A 78 -17.24 -4.41 1.75
C GLY A 78 -16.37 -3.25 2.19
N SER A 79 -16.89 -2.39 3.06
CA SER A 79 -16.07 -1.32 3.61
C SER A 79 -15.52 -1.63 4.99
N GLU A 80 -16.34 -2.22 5.86
CA GLU A 80 -15.96 -2.43 7.25
C GLU A 80 -14.87 -3.48 7.44
N MET A 81 -14.69 -4.40 6.49
CA MET A 81 -13.57 -5.33 6.60
C MET A 81 -12.22 -4.63 6.50
N TRP A 82 -12.16 -3.37 6.10
CA TRP A 82 -10.89 -2.66 6.01
C TRP A 82 -10.65 -1.75 7.21
N ASN A 83 -11.66 -1.52 8.04
CA ASN A 83 -11.47 -0.74 9.24
C ASN A 83 -10.64 -1.54 10.25
N PRO A 84 -9.99 -0.86 11.20
CA PRO A 84 -9.15 -1.57 12.16
C PRO A 84 -9.95 -2.59 12.95
N ASN A 85 -9.27 -3.65 13.36
CA ASN A 85 -9.92 -4.68 14.17
C ASN A 85 -9.24 -4.85 15.52
N THR A 86 -8.43 -3.87 15.92
CA THR A 86 -7.89 -3.83 17.28
C THR A 86 -8.04 -2.39 17.75
N ASP A 87 -7.93 -2.19 19.06
CA ASP A 87 -8.00 -0.86 19.64
C ASP A 87 -7.05 0.10 18.93
N LEU A 88 -7.50 1.34 18.78
CA LEU A 88 -6.65 2.42 18.31
C LEU A 88 -5.87 2.97 19.49
N SER A 89 -4.62 3.31 19.24
CA SER A 89 -3.77 3.82 20.30
C SER A 89 -2.55 4.46 19.67
N GLU A 90 -2.05 5.52 20.30
CA GLU A 90 -0.78 6.03 19.86
C GLU A 90 0.32 5.02 20.06
N ASP A 91 0.09 4.05 20.96
CA ASP A 91 1.04 3.00 21.27
C ASP A 91 0.73 1.85 20.32
N CYS A 92 1.39 1.86 19.15
CA CYS A 92 1.00 0.95 18.09
C CYS A 92 2.20 0.49 17.26
N LEU A 93 3.43 0.67 17.75
CA LEU A 93 4.60 0.31 16.95
C LEU A 93 4.93 -1.15 17.26
N TYR A 94 4.18 -2.04 16.62
CA TYR A 94 4.33 -3.48 16.79
C TYR A 94 4.34 -4.13 15.42
N LEU A 95 4.77 -5.39 15.41
CA LEU A 95 4.91 -6.16 14.18
C LEU A 95 4.56 -7.62 14.47
N ASN A 96 4.29 -8.35 13.39
CA ASN A 96 3.89 -9.76 13.45
C ASN A 96 4.85 -10.61 12.63
N VAL A 97 4.99 -11.87 13.04
CA VAL A 97 5.90 -12.82 12.41
C VAL A 97 5.21 -14.17 12.31
N TRP A 98 5.12 -14.72 11.10
CA TRP A 98 4.64 -16.07 10.90
C TRP A 98 5.79 -16.93 10.39
N ILE A 99 6.05 -18.04 11.06
CA ILE A 99 7.14 -18.91 10.60
C ILE A 99 6.61 -20.33 10.41
N PRO A 100 7.13 -21.04 9.43
CA PRO A 100 6.68 -22.42 9.21
C PRO A 100 7.08 -23.29 10.38
N ALA A 101 6.31 -24.36 10.58
CA ALA A 101 6.65 -25.38 11.55
C ALA A 101 6.79 -26.70 10.84
N PRO A 102 7.88 -27.44 11.02
CA PRO A 102 9.04 -27.12 11.89
C PRO A 102 9.78 -25.87 11.44
N LYS A 103 10.39 -25.18 12.39
CA LYS A 103 11.23 -24.00 12.22
C LYS A 103 12.08 -24.17 10.97
N PRO A 104 12.05 -23.21 10.05
CA PRO A 104 12.88 -23.32 8.85
C PRO A 104 14.35 -23.08 9.19
N LYS A 105 15.21 -23.37 8.22
CA LYS A 105 16.64 -23.19 8.43
C LYS A 105 17.13 -21.82 7.96
N ASN A 106 16.81 -21.46 6.73
CA ASN A 106 17.32 -20.20 6.17
C ASN A 106 16.25 -19.64 5.24
N ALA A 107 15.04 -19.41 5.77
CA ALA A 107 13.88 -19.12 4.93
C ALA A 107 13.89 -17.70 4.39
N THR A 108 13.41 -17.55 3.16
CA THR A 108 13.15 -16.22 2.61
C THR A 108 12.06 -15.52 3.41
N VAL A 109 12.21 -14.21 3.57
CA VAL A 109 11.32 -13.40 4.38
C VAL A 109 10.51 -12.48 3.46
N LEU A 110 9.20 -12.45 3.68
N LEU A 110 9.20 -12.47 3.66
CA LEU A 110 8.29 -11.53 2.98
CA LEU A 110 8.31 -11.52 3.00
C LEU A 110 7.72 -10.55 3.99
C LEU A 110 7.80 -10.55 4.04
N ILE A 111 7.91 -9.25 3.75
CA ILE A 111 7.46 -8.20 4.65
C ILE A 111 6.34 -7.41 3.96
N TRP A 112 5.17 -7.38 4.61
CA TRP A 112 3.99 -6.66 4.12
C TRP A 112 3.89 -5.25 4.69
N ILE A 113 3.59 -4.29 3.80
CA ILE A 113 3.30 -2.91 4.20
C ILE A 113 1.91 -2.57 3.69
N TYR A 114 0.94 -2.48 4.61
CA TYR A 114 -0.44 -2.24 4.22
C TYR A 114 -0.61 -0.84 3.61
N GLY A 115 -1.72 -0.66 2.89
CA GLY A 115 -2.09 0.62 2.35
C GLY A 115 -3.20 1.29 3.17
N GLY A 116 -3.72 2.39 2.62
CA GLY A 116 -4.81 3.10 3.23
C GLY A 116 -4.74 4.60 3.04
N GLY A 117 -4.23 5.05 1.89
CA GLY A 117 -4.10 6.47 1.64
C GLY A 117 -3.13 7.21 2.54
N PHE A 118 -2.23 6.51 3.24
CA PHE A 118 -1.37 7.03 4.31
C PHE A 118 -2.16 7.64 5.47
N GLN A 119 -3.49 7.51 5.48
CA GLN A 119 -4.27 8.00 6.61
C GLN A 119 -4.90 6.90 7.42
N THR A 120 -4.98 5.67 6.88
CA THR A 120 -5.61 4.55 7.58
C THR A 120 -4.80 3.28 7.35
N GLY A 121 -5.25 2.19 7.99
CA GLY A 121 -4.71 0.88 7.74
C GLY A 121 -4.19 0.20 8.99
N THR A 122 -4.05 -1.12 8.94
CA THR A 122 -3.50 -1.83 10.08
C THR A 122 -3.09 -3.22 9.62
N SER A 123 -2.02 -3.74 10.23
CA SER A 123 -1.46 -5.03 9.81
C SER A 123 -2.28 -6.22 10.27
N SER A 124 -3.28 -6.01 11.13
CA SER A 124 -4.04 -7.12 11.69
C SER A 124 -5.28 -7.51 10.89
N LEU A 125 -5.57 -6.84 9.77
CA LEU A 125 -6.73 -7.25 8.96
C LEU A 125 -6.58 -8.70 8.51
N HIS A 126 -7.72 -9.40 8.37
CA HIS A 126 -7.63 -10.82 8.08
C HIS A 126 -7.19 -11.10 6.64
N VAL A 127 -7.35 -10.14 5.72
CA VAL A 127 -6.79 -10.35 4.39
C VAL A 127 -5.28 -10.19 4.36
N TYR A 128 -4.65 -9.75 5.45
CA TYR A 128 -3.19 -9.70 5.56
C TYR A 128 -2.62 -10.83 6.43
N ASP A 129 -3.42 -11.85 6.74
CA ASP A 129 -2.98 -12.91 7.65
C ASP A 129 -1.91 -13.75 6.97
N GLY A 130 -0.70 -13.74 7.53
CA GLY A 130 0.41 -14.41 6.88
C GLY A 130 0.54 -15.90 7.09
N LYS A 131 -0.44 -16.55 7.74
CA LYS A 131 -0.27 -17.96 8.12
C LYS A 131 -0.36 -18.88 6.90
N PHE A 132 -1.12 -18.51 5.87
CA PHE A 132 -1.23 -19.37 4.70
C PHE A 132 0.10 -19.42 3.94
N LEU A 133 0.73 -18.25 3.71
CA LEU A 133 2.00 -18.21 2.97
C LEU A 133 3.10 -18.99 3.68
N ALA A 134 3.15 -18.91 5.02
CA ALA A 134 4.18 -19.64 5.74
C ALA A 134 3.93 -21.14 5.66
N ARG A 135 2.66 -21.56 5.78
CA ARG A 135 2.31 -22.97 5.66
C ARG A 135 2.63 -23.52 4.28
N VAL A 136 2.20 -22.82 3.23
CA VAL A 136 2.18 -23.36 1.87
C VAL A 136 3.53 -23.20 1.18
N GLU A 137 4.20 -22.06 1.37
CA GLU A 137 5.47 -21.81 0.68
C GLU A 137 6.67 -21.86 1.60
N ARG A 138 6.46 -22.02 2.91
CA ARG A 138 7.56 -22.12 3.87
C ARG A 138 8.44 -20.88 3.82
N VAL A 139 7.87 -19.75 3.50
CA VAL A 139 8.52 -18.47 3.71
C VAL A 139 8.11 -17.96 5.09
N ILE A 140 8.87 -16.99 5.60
CA ILE A 140 8.49 -16.26 6.79
C ILE A 140 7.83 -14.96 6.35
N VAL A 141 6.70 -14.63 6.99
CA VAL A 141 5.92 -13.43 6.67
C VAL A 141 5.95 -12.51 7.89
N VAL A 142 6.29 -11.25 7.66
CA VAL A 142 6.36 -10.22 8.68
C VAL A 142 5.49 -9.06 8.20
N SER A 143 4.78 -8.43 9.16
CA SER A 143 4.05 -7.20 8.87
C SER A 143 4.16 -6.29 10.09
N MET A 144 4.05 -4.99 9.86
CA MET A 144 4.24 -4.03 10.95
C MET A 144 3.17 -2.96 10.88
N ASN A 145 2.85 -2.40 12.04
CA ASN A 145 2.04 -1.20 12.11
C ASN A 145 2.93 0.04 12.07
N TYR A 146 2.51 1.04 11.30
CA TYR A 146 3.27 2.27 11.20
C TYR A 146 2.30 3.44 11.34
N ARG A 147 2.80 4.55 11.88
CA ARG A 147 1.95 5.71 12.08
C ARG A 147 1.43 6.22 10.74
N VAL A 148 0.17 6.67 10.75
CA VAL A 148 -0.53 7.20 9.59
C VAL A 148 -1.13 8.55 9.97
N GLY A 149 -1.60 9.28 8.95
CA GLY A 149 -2.20 10.59 9.18
C GLY A 149 -1.19 11.62 9.66
N ALA A 150 -1.69 12.65 10.33
CA ALA A 150 -0.79 13.68 10.85
C ALA A 150 0.16 13.10 11.90
N LEU A 151 -0.30 12.13 12.70
CA LEU A 151 0.60 11.51 13.68
C LEU A 151 1.78 10.82 13.00
N GLY A 152 1.64 10.43 11.72
CA GLY A 152 2.72 9.79 10.99
C GLY A 152 3.48 10.65 10.00
N PHE A 153 2.88 11.74 9.50
CA PHE A 153 3.48 12.48 8.40
C PHE A 153 3.38 14.01 8.51
N LEU A 154 2.94 14.54 9.66
CA LEU A 154 2.99 15.99 9.84
C LEU A 154 4.42 16.48 9.66
N ALA A 155 4.60 17.49 8.80
CA ALA A 155 5.93 17.96 8.43
C ALA A 155 6.10 19.44 8.75
N LEU A 156 7.17 19.75 9.49
CA LEU A 156 7.82 21.06 9.52
C LEU A 156 9.23 20.83 9.00
N PRO A 157 9.43 20.84 7.68
CA PRO A 157 10.67 20.29 7.12
C PRO A 157 11.91 20.97 7.69
N GLY A 158 12.88 20.17 8.08
CA GLY A 158 14.05 20.64 8.80
C GLY A 158 13.93 20.44 10.30
N ASN A 159 12.76 20.75 10.84
CA ASN A 159 12.55 20.73 12.29
C ASN A 159 12.43 19.29 12.79
N PRO A 160 13.35 18.82 13.64
CA PRO A 160 13.29 17.43 14.11
C PRO A 160 12.14 17.14 15.06
N GLU A 161 11.45 18.15 15.58
CA GLU A 161 10.30 17.88 16.43
C GLU A 161 9.15 17.31 15.63
N ALA A 162 9.13 17.56 14.34
CA ALA A 162 8.09 17.16 13.41
C ALA A 162 8.69 17.22 12.01
N PRO A 163 9.61 16.32 11.67
CA PRO A 163 10.35 16.46 10.41
C PRO A 163 9.66 15.85 9.21
N GLY A 164 8.54 15.13 9.40
CA GLY A 164 7.88 14.43 8.32
C GLY A 164 8.37 13.00 8.20
N ASN A 165 7.59 12.18 7.49
CA ASN A 165 7.97 10.82 7.12
C ASN A 165 8.16 9.87 8.30
N MET A 166 7.69 10.25 9.50
CA MET A 166 7.80 9.37 10.66
C MET A 166 7.26 7.96 10.38
N GLY A 167 6.15 7.85 9.66
CA GLY A 167 5.61 6.53 9.35
C GLY A 167 6.54 5.72 8.45
N LEU A 168 7.19 6.38 7.49
CA LEU A 168 8.18 5.68 6.68
C LEU A 168 9.34 5.19 7.55
N PHE A 169 9.73 6.00 8.55
CA PHE A 169 10.81 5.57 9.44
C PHE A 169 10.34 4.45 10.38
N ASP A 170 9.06 4.46 10.78
CA ASP A 170 8.49 3.31 11.47
C ASP A 170 8.71 2.03 10.66
N GLN A 171 8.30 2.06 9.38
CA GLN A 171 8.55 0.92 8.50
C GLN A 171 10.04 0.58 8.47
N GLN A 172 10.89 1.61 8.36
CA GLN A 172 12.32 1.35 8.25
C GLN A 172 12.86 0.69 9.50
N LEU A 173 12.47 1.21 10.67
CA LEU A 173 12.93 0.59 11.92
C LEU A 173 12.45 -0.86 12.03
N ALA A 174 11.32 -1.19 11.42
CA ALA A 174 10.88 -2.58 11.43
C ALA A 174 11.73 -3.44 10.52
N LEU A 175 12.11 -2.93 9.34
CA LEU A 175 13.01 -3.69 8.47
C LEU A 175 14.35 -3.95 9.16
N GLN A 176 14.87 -2.95 9.87
CA GLN A 176 16.07 -3.12 10.65
C GLN A 176 15.91 -4.22 11.71
N TRP A 177 14.74 -4.26 12.38
CA TRP A 177 14.47 -5.30 13.37
C TRP A 177 14.55 -6.68 12.74
N VAL A 178 14.02 -6.83 11.52
CA VAL A 178 14.13 -8.12 10.83
C VAL A 178 15.60 -8.43 10.55
N GLN A 179 16.37 -7.43 10.11
CA GLN A 179 17.80 -7.62 9.88
C GLN A 179 18.51 -8.14 11.12
N LYS A 180 18.16 -7.62 12.30
CA LYS A 180 18.87 -7.99 13.52
C LYS A 180 18.29 -9.22 14.22
N ASN A 181 17.06 -9.65 13.90
CA ASN A 181 16.41 -10.68 14.69
C ASN A 181 15.86 -11.86 13.91
N ILE A 182 15.66 -11.75 12.59
CA ILE A 182 14.87 -12.77 11.92
C ILE A 182 15.63 -14.10 11.84
N ALA A 183 16.95 -14.08 11.93
CA ALA A 183 17.70 -15.34 11.93
C ALA A 183 17.32 -16.20 13.12
N ALA A 184 17.01 -15.59 14.27
CA ALA A 184 16.63 -16.37 15.45
C ALA A 184 15.34 -17.15 15.21
N PHE A 185 14.48 -16.68 14.31
CA PHE A 185 13.25 -17.35 13.93
C PHE A 185 13.44 -18.29 12.74
N GLY A 186 14.67 -18.49 12.27
CA GLY A 186 14.92 -19.32 11.12
C GLY A 186 14.89 -18.60 9.79
N GLY A 187 14.89 -17.26 9.78
CA GLY A 187 14.83 -16.49 8.55
C GLY A 187 16.20 -16.09 8.04
N ASN A 188 16.28 -15.85 6.74
CA ASN A 188 17.47 -15.38 6.06
C ASN A 188 17.44 -13.86 5.92
N PRO A 189 18.20 -13.09 6.72
CA PRO A 189 18.23 -11.63 6.53
C PRO A 189 18.68 -11.21 5.13
N LYS A 190 19.35 -12.07 4.38
CA LYS A 190 19.83 -11.72 3.05
C LYS A 190 18.81 -11.97 1.96
N SER A 191 17.63 -12.48 2.28
CA SER A 191 16.63 -12.82 1.31
C SER A 191 15.30 -12.27 1.81
N VAL A 192 15.17 -10.93 1.75
CA VAL A 192 14.01 -10.21 2.28
C VAL A 192 13.34 -9.47 1.14
N THR A 193 12.06 -9.76 0.91
CA THR A 193 11.30 -9.11 -0.13
C THR A 193 10.22 -8.25 0.52
N LEU A 194 10.19 -6.97 0.17
CA LEU A 194 9.08 -6.11 0.59
C LEU A 194 7.94 -6.26 -0.39
N PHE A 195 6.71 -6.34 0.13
CA PHE A 195 5.54 -6.15 -0.73
C PHE A 195 4.48 -5.36 0.01
N GLY A 196 3.66 -4.66 -0.77
CA GLY A 196 2.63 -3.81 -0.23
C GLY A 196 1.67 -3.39 -1.32
N GLU A 197 0.52 -2.86 -0.91
CA GLU A 197 -0.52 -2.43 -1.83
C GLU A 197 -0.90 -0.98 -1.59
N SER A 198 -1.15 -0.24 -2.66
CA SER A 198 -1.64 1.15 -2.61
C SER A 198 -0.62 2.03 -1.88
N ALA A 199 -1.00 2.77 -0.83
CA ALA A 199 0.00 3.52 -0.08
C ALA A 199 1.13 2.63 0.39
N GLY A 200 0.83 1.36 0.67
CA GLY A 200 1.88 0.41 1.02
C GLY A 200 2.82 0.16 -0.15
N ALA A 201 2.27 0.01 -1.36
CA ALA A 201 3.12 -0.15 -2.52
C ALA A 201 3.93 1.13 -2.79
N ALA A 202 3.30 2.30 -2.64
CA ALA A 202 4.07 3.53 -2.78
C ALA A 202 5.20 3.59 -1.75
N SER A 203 4.92 3.13 -0.53
CA SER A 203 5.95 3.05 0.50
C SER A 203 7.12 2.19 0.04
N VAL A 204 6.83 0.98 -0.45
CA VAL A 204 7.86 0.07 -0.93
C VAL A 204 8.73 0.78 -1.97
N SER A 205 8.09 1.47 -2.94
CA SER A 205 8.88 2.17 -3.96
C SER A 205 9.74 3.27 -3.35
N LEU A 206 9.30 3.88 -2.24
CA LEU A 206 10.14 4.90 -1.62
C LEU A 206 11.32 4.28 -0.87
N HIS A 207 11.12 3.09 -0.30
CA HIS A 207 12.24 2.36 0.30
C HIS A 207 13.30 2.03 -0.75
N LEU A 208 12.89 1.85 -2.01
CA LEU A 208 13.86 1.62 -3.08
C LEU A 208 14.71 2.86 -3.32
N LEU A 209 14.15 4.04 -3.08
CA LEU A 209 14.90 5.28 -3.22
C LEU A 209 15.64 5.69 -1.95
N SER A 210 15.32 5.12 -0.82
CA SER A 210 15.89 5.74 0.37
C SER A 210 17.23 5.10 0.70
N PRO A 211 18.30 5.87 0.85
CA PRO A 211 19.59 5.23 1.12
C PRO A 211 19.57 4.44 2.42
N GLY A 212 18.81 4.87 3.40
CA GLY A 212 18.80 4.18 4.69
C GLY A 212 18.10 2.84 4.67
N SER A 213 17.38 2.52 3.60
CA SER A 213 16.74 1.22 3.46
C SER A 213 17.48 0.28 2.50
N HIS A 214 18.47 0.82 1.78
N HIS A 214 18.47 0.79 1.75
CA HIS A 214 19.18 0.09 0.71
CA HIS A 214 19.04 -0.01 0.66
C HIS A 214 19.61 -1.28 1.18
C HIS A 214 19.61 -1.32 1.17
N SER A 215 20.19 -1.36 2.36
CA SER A 215 20.76 -2.58 2.90
C SER A 215 19.79 -3.40 3.73
N LEU A 216 18.51 -3.02 3.75
CA LEU A 216 17.54 -3.66 4.63
C LEU A 216 16.63 -4.65 3.91
N PHE A 217 16.75 -4.80 2.59
CA PHE A 217 15.88 -5.71 1.86
C PHE A 217 16.54 -6.05 0.53
N THR A 218 16.02 -7.09 -0.10
CA THR A 218 16.60 -7.63 -1.32
C THR A 218 15.83 -7.25 -2.57
N ARG A 219 14.52 -7.51 -2.58
CA ARG A 219 13.65 -7.34 -3.73
C ARG A 219 12.36 -6.66 -3.29
N ALA A 220 11.53 -6.25 -4.26
CA ALA A 220 10.35 -5.45 -3.94
C ALA A 220 9.19 -5.78 -4.87
N ILE A 221 7.98 -5.81 -4.31
CA ILE A 221 6.73 -6.06 -5.05
C ILE A 221 5.79 -4.89 -4.82
N LEU A 222 5.23 -4.32 -5.89
CA LEU A 222 4.38 -3.13 -5.79
C LEU A 222 3.01 -3.41 -6.41
N GLN A 223 1.99 -3.58 -5.56
CA GLN A 223 0.62 -3.84 -5.99
C GLN A 223 -0.21 -2.56 -5.96
N SER A 224 -0.60 -2.08 -7.14
CA SER A 224 -1.51 -0.92 -7.24
C SER A 224 -0.98 0.30 -6.48
N GLY A 225 0.24 0.71 -6.78
CA GLY A 225 0.82 1.82 -6.05
C GLY A 225 2.27 2.06 -6.42
N SER A 226 2.70 3.33 -6.43
CA SER A 226 4.06 3.74 -6.70
C SER A 226 4.18 5.20 -6.33
N PHE A 227 5.38 5.61 -5.89
CA PHE A 227 5.52 6.95 -5.29
C PHE A 227 5.19 8.06 -6.29
N ASN A 228 5.29 7.81 -7.59
CA ASN A 228 4.99 8.83 -8.58
C ASN A 228 3.50 8.95 -8.87
N ALA A 229 2.64 8.19 -8.19
CA ALA A 229 1.21 8.44 -8.31
C ALA A 229 0.93 9.86 -7.80
N PRO A 230 -0.06 10.55 -8.38
CA PRO A 230 -0.24 11.98 -8.04
C PRO A 230 -0.65 12.24 -6.59
N TRP A 231 -1.03 11.23 -5.82
CA TRP A 231 -1.44 11.37 -4.42
C TRP A 231 -0.36 10.95 -3.43
N ALA A 232 0.81 10.51 -3.89
CA ALA A 232 1.71 9.82 -2.97
C ALA A 232 2.72 10.73 -2.26
N VAL A 233 3.05 11.89 -2.82
CA VAL A 233 4.06 12.75 -2.21
C VAL A 233 3.48 14.15 -2.04
N THR A 234 3.64 14.72 -0.85
CA THR A 234 3.23 16.10 -0.57
C THR A 234 4.40 17.04 -0.80
N SER A 235 4.12 18.19 -1.43
CA SER A 235 5.15 19.21 -1.58
C SER A 235 5.52 19.77 -0.21
N LEU A 236 6.69 20.42 -0.16
CA LEU A 236 7.00 21.20 1.05
C LEU A 236 6.04 22.37 1.23
N TYR A 237 5.56 22.96 0.12
CA TYR A 237 4.59 24.03 0.23
C TYR A 237 3.30 23.52 0.87
N GLU A 238 2.72 22.46 0.32
CA GLU A 238 1.50 21.91 0.91
C GLU A 238 1.74 21.46 2.35
N ALA A 239 2.83 20.71 2.58
CA ALA A 239 3.09 20.18 3.92
C ALA A 239 3.10 21.29 4.96
N ARG A 240 3.76 22.41 4.67
CA ARG A 240 3.76 23.55 5.59
C ARG A 240 2.36 24.16 5.69
N ASN A 241 1.71 24.46 4.55
CA ASN A 241 0.37 25.04 4.60
C ASN A 241 -0.60 24.16 5.38
N ARG A 242 -0.39 22.84 5.34
CA ARG A 242 -1.28 21.90 6.02
C ARG A 242 -0.93 21.78 7.50
N THR A 243 0.34 21.80 7.84
CA THR A 243 0.74 21.81 9.24
C THR A 243 0.25 23.08 9.94
N LEU A 244 0.36 24.22 9.27
CA LEU A 244 -0.12 25.46 9.90
C LEU A 244 -1.64 25.47 9.98
N ASN A 245 -2.31 25.02 8.92
CA ASN A 245 -3.76 24.92 8.97
C ASN A 245 -4.21 24.09 10.16
N LEU A 246 -3.58 22.92 10.37
CA LEU A 246 -3.93 22.08 11.51
C LEU A 246 -3.74 22.81 12.83
N ALA A 247 -2.66 23.59 12.97
CA ALA A 247 -2.42 24.33 14.20
C ALA A 247 -3.48 25.40 14.42
N LYS A 248 -3.85 26.14 13.38
CA LYS A 248 -4.94 27.09 13.49
C LYS A 248 -6.21 26.41 13.99
N LEU A 249 -6.60 25.31 13.34
CA LEU A 249 -7.84 24.63 13.69
C LEU A 249 -7.83 24.06 15.10
N THR A 250 -6.66 23.81 15.67
CA THR A 250 -6.58 23.33 17.04
C THR A 250 -6.27 24.45 18.03
N GLY A 251 -6.23 25.70 17.58
CA GLY A 251 -5.84 26.79 18.46
C GLY A 251 -4.41 26.69 18.92
N CYS A 252 -3.53 26.20 18.06
CA CYS A 252 -2.14 25.99 18.42
C CYS A 252 -1.18 26.83 17.61
N SER A 253 -1.67 27.64 16.68
CA SER A 253 -0.77 28.39 15.81
C SER A 253 0.03 29.38 16.64
N ARG A 254 1.36 29.30 16.53
CA ARG A 254 2.26 30.16 17.27
C ARG A 254 3.20 30.89 16.32
N GLU A 255 4.27 31.47 16.85
CA GLU A 255 5.32 32.07 16.04
C GLU A 255 6.59 31.23 16.00
N ASN A 256 7.03 30.69 17.13
CA ASN A 256 8.14 29.77 17.17
C ASN A 256 7.63 28.37 16.77
N GLU A 257 8.15 27.85 15.66
CA GLU A 257 7.68 26.56 15.15
C GLU A 257 7.75 25.47 16.21
N THR A 258 8.82 25.45 17.00
CA THR A 258 8.96 24.43 18.02
C THR A 258 7.87 24.55 19.08
N GLU A 259 7.34 25.77 19.29
CA GLU A 259 6.24 25.95 20.24
C GLU A 259 4.90 25.48 19.68
N ILE A 260 4.73 25.47 18.36
CA ILE A 260 3.54 24.87 17.79
C ILE A 260 3.52 23.37 18.06
N ILE A 261 4.66 22.71 17.83
CA ILE A 261 4.74 21.27 18.07
C ILE A 261 4.51 20.99 19.55
N LYS A 262 5.18 21.76 20.42
CA LYS A 262 4.94 21.61 21.84
C LYS A 262 3.46 21.75 22.16
N CYS A 263 2.79 22.70 21.50
CA CYS A 263 1.34 22.84 21.68
C CYS A 263 0.60 21.63 21.13
N LEU A 264 0.96 21.18 19.93
CA LEU A 264 0.27 20.05 19.35
C LEU A 264 0.48 18.77 20.14
N ARG A 265 1.55 18.70 20.93
CA ARG A 265 1.83 17.52 21.73
C ARG A 265 0.89 17.39 22.94
N ASN A 266 0.25 18.48 23.37
CA ASN A 266 -0.65 18.39 24.51
C ASN A 266 -2.09 18.14 24.09
N LYS A 267 -2.39 18.13 22.81
CA LYS A 267 -3.73 17.78 22.35
C LYS A 267 -3.93 16.26 22.41
N ASP A 268 -5.17 15.86 22.53
CA ASP A 268 -5.50 14.45 22.48
C ASP A 268 -5.74 14.02 21.03
N PRO A 269 -5.41 12.76 20.71
CA PRO A 269 -5.44 12.34 19.29
C PRO A 269 -6.72 12.69 18.56
N GLN A 270 -7.85 12.65 19.26
CA GLN A 270 -9.16 12.85 18.63
C GLN A 270 -9.31 14.27 18.09
N GLU A 271 -8.78 15.27 18.80
CA GLU A 271 -8.78 16.63 18.28
C GLU A 271 -7.87 16.74 17.06
N ILE A 272 -6.73 16.05 17.07
CA ILE A 272 -5.90 16.00 15.88
C ILE A 272 -6.62 15.26 14.76
N LEU A 273 -7.26 14.14 15.09
CA LEU A 273 -7.92 13.34 14.06
C LEU A 273 -9.07 14.11 13.43
N LEU A 274 -9.88 14.78 14.25
CA LEU A 274 -11.08 15.41 13.72
C LEU A 274 -10.78 16.63 12.88
N ASN A 275 -9.59 17.23 13.04
CA ASN A 275 -9.24 18.39 12.24
C ASN A 275 -8.42 18.06 11.01
N GLU A 276 -7.82 16.86 10.95
CA GLU A 276 -7.09 16.42 9.77
C GLU A 276 -7.85 16.68 8.48
N ALA A 277 -9.17 16.43 8.50
CA ALA A 277 -9.96 16.48 7.27
C ALA A 277 -9.89 17.84 6.60
N PHE A 278 -9.83 18.92 7.38
CA PHE A 278 -9.98 20.26 6.84
C PHE A 278 -8.67 21.02 6.63
N VAL A 279 -7.52 20.37 6.77
CA VAL A 279 -6.28 21.10 6.50
C VAL A 279 -6.11 21.38 5.03
N VAL A 280 -6.92 20.78 4.16
CA VAL A 280 -6.85 21.03 2.73
C VAL A 280 -8.10 21.82 2.33
N PRO A 281 -7.95 22.98 1.70
CA PRO A 281 -9.13 23.77 1.32
C PRO A 281 -10.06 22.98 0.43
N TYR A 282 -9.55 22.57 -0.74
CA TYR A 282 -10.32 21.79 -1.70
C TYR A 282 -9.48 20.58 -2.09
N GLY A 283 -9.80 19.43 -1.51
CA GLY A 283 -9.11 18.19 -1.82
C GLY A 283 -10.03 17.18 -2.48
N THR A 284 -9.41 16.13 -3.03
CA THR A 284 -10.17 15.02 -3.57
C THR A 284 -10.88 14.31 -2.42
N PRO A 285 -11.85 13.46 -2.73
CA PRO A 285 -12.29 12.50 -1.70
C PRO A 285 -11.10 11.70 -1.20
N LEU A 286 -11.16 11.28 0.07
CA LEU A 286 -10.11 10.49 0.70
C LEU A 286 -8.74 11.17 0.53
N SER A 287 -8.78 12.50 0.51
CA SER A 287 -7.61 13.34 0.36
C SER A 287 -6.46 12.85 1.23
N VAL A 288 -5.26 12.83 0.65
CA VAL A 288 -4.07 12.36 1.39
C VAL A 288 -3.53 13.55 2.16
N ASN A 289 -4.22 13.94 3.23
CA ASN A 289 -3.91 15.20 3.92
C ASN A 289 -2.46 15.23 4.37
N PHE A 290 -1.99 14.14 4.98
CA PHE A 290 -0.65 14.06 5.54
C PHE A 290 0.03 12.82 5.00
N GLY A 291 1.07 13.02 4.19
CA GLY A 291 1.75 11.94 3.50
C GLY A 291 3.23 12.16 3.38
N PRO A 292 3.91 11.30 2.62
CA PRO A 292 5.36 11.45 2.44
C PRO A 292 5.75 12.84 1.93
N THR A 293 6.87 13.33 2.41
CA THR A 293 7.40 14.60 1.92
C THR A 293 8.89 14.42 1.62
N VAL A 294 9.43 15.40 0.90
CA VAL A 294 10.87 15.47 0.67
C VAL A 294 11.47 16.10 1.92
N ASP A 295 11.97 15.25 2.81
CA ASP A 295 12.44 15.67 4.13
C ASP A 295 13.95 15.88 4.21
N GLY A 296 14.71 15.54 3.17
CA GLY A 296 16.15 15.61 3.32
C GLY A 296 16.73 14.59 4.26
N ASP A 297 15.99 13.54 4.59
CA ASP A 297 16.50 12.49 5.47
C ASP A 297 16.17 11.12 4.90
N PHE A 298 14.92 10.69 5.03
CA PHE A 298 14.47 9.48 4.34
C PHE A 298 14.56 9.67 2.84
N LEU A 299 14.36 10.90 2.38
CA LEU A 299 14.15 11.22 0.97
C LEU A 299 14.97 12.46 0.67
N THR A 300 16.05 12.29 -0.10
CA THR A 300 17.05 13.35 -0.26
C THR A 300 16.71 14.34 -1.37
N ASP A 301 15.81 14.00 -2.28
CA ASP A 301 15.49 14.87 -3.41
C ASP A 301 14.07 14.57 -3.85
N MET A 302 13.56 15.39 -4.75
CA MET A 302 12.27 15.08 -5.33
C MET A 302 12.32 13.73 -6.03
N PRO A 303 11.48 12.77 -5.63
CA PRO A 303 11.70 11.38 -6.06
C PRO A 303 11.56 11.19 -7.56
N ASP A 304 10.82 12.05 -8.25
CA ASP A 304 10.80 11.99 -9.70
C ASP A 304 12.19 12.20 -10.28
N ILE A 305 13.00 13.05 -9.65
CA ILE A 305 14.35 13.27 -10.14
C ILE A 305 15.21 12.04 -9.88
N LEU A 306 15.11 11.47 -8.68
CA LEU A 306 15.82 10.23 -8.35
C LEU A 306 15.44 9.09 -9.31
N LEU A 307 14.15 8.91 -9.56
CA LEU A 307 13.73 7.90 -10.54
C LEU A 307 14.36 8.17 -11.91
N GLU A 308 14.20 9.39 -12.42
CA GLU A 308 14.63 9.71 -13.77
C GLU A 308 16.12 9.48 -13.99
N LEU A 309 16.94 9.68 -12.95
CA LEU A 309 18.40 9.66 -13.11
C LEU A 309 19.05 8.44 -12.47
N GLY A 310 18.29 7.36 -12.27
CA GLY A 310 18.84 6.09 -11.84
C GLY A 310 19.31 6.02 -10.40
N GLN A 311 18.87 6.95 -9.55
CA GLN A 311 19.32 6.96 -8.14
C GLN A 311 18.35 6.15 -7.30
N PHE A 312 18.53 4.82 -7.33
CA PHE A 312 17.72 3.90 -6.54
C PHE A 312 18.38 2.52 -6.52
N LYS A 313 17.92 1.69 -5.59
CA LYS A 313 18.47 0.36 -5.40
C LYS A 313 18.31 -0.48 -6.67
N LYS A 314 19.40 -1.09 -7.11
CA LYS A 314 19.40 -1.92 -8.31
C LYS A 314 19.03 -3.36 -7.93
N THR A 315 17.81 -3.77 -8.27
CA THR A 315 17.28 -5.09 -7.92
C THR A 315 16.06 -5.37 -8.79
N GLN A 316 15.47 -6.54 -8.61
CA GLN A 316 14.30 -6.89 -9.40
C GLN A 316 13.05 -6.33 -8.76
N ILE A 317 12.07 -5.98 -9.58
CA ILE A 317 10.76 -5.59 -9.06
C ILE A 317 9.67 -6.40 -9.74
N LEU A 318 8.59 -6.62 -8.99
CA LEU A 318 7.33 -7.11 -9.53
C LEU A 318 6.29 -6.01 -9.28
N VAL A 319 5.63 -5.57 -10.34
CA VAL A 319 4.69 -4.45 -10.30
C VAL A 319 3.40 -4.88 -11.00
N GLY A 320 2.26 -4.41 -10.49
CA GLY A 320 1.00 -4.71 -11.16
C GLY A 320 -0.13 -3.83 -10.70
N VAL A 321 -1.27 -3.98 -11.40
CA VAL A 321 -2.49 -3.21 -11.16
C VAL A 321 -3.70 -4.09 -11.45
N ASN A 322 -4.87 -3.58 -11.06
CA ASN A 322 -6.14 -4.25 -11.23
C ASN A 322 -6.93 -3.57 -12.34
N LYS A 323 -7.82 -4.34 -12.97
CA LYS A 323 -8.56 -3.84 -14.15
C LYS A 323 -9.41 -2.61 -13.85
N ASP A 324 -9.99 -2.49 -12.64
CA ASP A 324 -10.90 -1.38 -12.32
C ASP A 324 -10.46 -0.63 -11.05
N GLU A 325 -9.19 -0.19 -11.03
CA GLU A 325 -8.65 0.57 -9.89
C GLU A 325 -9.56 1.72 -9.42
N GLY A 326 -10.12 2.48 -10.36
CA GLY A 326 -10.84 3.69 -9.99
C GLY A 326 -12.24 3.51 -9.42
N THR A 327 -12.93 2.40 -9.70
CA THR A 327 -14.37 2.33 -9.42
C THR A 327 -14.69 2.49 -7.94
N ALA A 328 -13.88 1.91 -7.05
CA ALA A 328 -14.19 1.99 -5.62
C ALA A 328 -14.26 3.43 -5.12
N PHE A 329 -13.47 4.35 -5.70
CA PHE A 329 -13.48 5.72 -5.20
C PHE A 329 -14.68 6.53 -5.69
N LEU A 330 -15.41 6.07 -6.70
CA LEU A 330 -16.49 6.89 -7.24
C LEU A 330 -17.65 7.06 -6.26
N VAL A 331 -17.81 6.15 -5.29
CA VAL A 331 -18.92 6.28 -4.34
C VAL A 331 -18.50 7.00 -3.07
N TYR A 332 -17.31 7.61 -3.05
CA TYR A 332 -16.95 8.48 -1.94
C TYR A 332 -17.05 9.96 -2.31
N GLY A 333 -17.89 10.31 -3.29
CA GLY A 333 -18.18 11.71 -3.53
C GLY A 333 -18.56 12.07 -4.95
N ALA A 334 -18.55 11.12 -5.86
CA ALA A 334 -18.89 11.48 -7.23
C ALA A 334 -20.41 11.54 -7.37
N PRO A 335 -20.95 12.63 -7.91
CA PRO A 335 -22.40 12.77 -8.02
C PRO A 335 -22.99 11.71 -8.95
N GLY A 336 -24.05 11.05 -8.48
CA GLY A 336 -24.79 10.11 -9.29
C GLY A 336 -24.43 8.67 -9.07
N PHE A 337 -23.39 8.39 -8.29
CA PHE A 337 -22.92 7.04 -8.04
C PHE A 337 -23.47 6.50 -6.71
N SER A 338 -23.66 5.19 -6.67
CA SER A 338 -24.09 4.50 -5.46
C SER A 338 -23.68 3.05 -5.58
N LYS A 339 -23.27 2.46 -4.45
CA LYS A 339 -23.08 1.01 -4.46
C LYS A 339 -24.39 0.24 -4.61
N ASP A 340 -25.53 0.90 -4.47
CA ASP A 340 -26.82 0.24 -4.42
C ASP A 340 -27.66 0.41 -5.68
N ASN A 341 -27.07 0.88 -6.76
CA ASN A 341 -27.72 0.89 -8.07
C ASN A 341 -26.62 0.91 -9.12
N ASN A 342 -27.02 0.79 -10.39
CA ASN A 342 -26.04 0.62 -11.46
C ASN A 342 -25.38 1.94 -11.88
N SER A 343 -25.69 3.05 -11.21
CA SER A 343 -24.89 4.27 -11.27
C SER A 343 -24.74 4.80 -12.69
N ILE A 344 -25.80 4.67 -13.49
CA ILE A 344 -25.80 5.27 -14.82
C ILE A 344 -25.87 6.78 -14.66
N ILE A 345 -24.84 7.48 -15.15
CA ILE A 345 -24.75 8.93 -14.98
C ILE A 345 -24.79 9.63 -16.35
N THR A 346 -25.05 10.92 -16.30
CA THR A 346 -25.15 11.75 -17.50
C THR A 346 -23.82 12.47 -17.78
N ARG A 347 -23.78 13.11 -18.95
CA ARG A 347 -22.62 13.93 -19.30
C ARG A 347 -22.36 14.98 -18.23
N LYS A 348 -23.42 15.66 -17.78
CA LYS A 348 -23.27 16.70 -16.76
C LYS A 348 -22.75 16.12 -15.45
N GLU A 349 -23.18 14.90 -15.11
CA GLU A 349 -22.70 14.27 -13.89
C GLU A 349 -21.24 13.84 -14.03
N PHE A 350 -20.88 13.26 -15.18
CA PHE A 350 -19.47 13.02 -15.50
C PHE A 350 -18.64 14.28 -15.30
N GLN A 351 -19.08 15.39 -15.88
CA GLN A 351 -18.31 16.63 -15.77
C GLN A 351 -18.22 17.09 -14.32
N GLU A 352 -19.30 16.94 -13.55
CA GLU A 352 -19.22 17.25 -12.13
C GLU A 352 -18.23 16.33 -11.42
N GLY A 353 -18.17 15.06 -11.83
CA GLY A 353 -17.21 14.15 -11.23
C GLY A 353 -15.77 14.58 -11.46
N LEU A 354 -15.47 15.11 -12.65
CA LEU A 354 -14.12 15.57 -12.91
C LEU A 354 -13.71 16.68 -11.95
N LYS A 355 -14.65 17.61 -11.66
CA LYS A 355 -14.40 18.66 -10.68
C LYS A 355 -14.13 18.08 -9.29
N ILE A 356 -14.89 17.03 -8.91
CA ILE A 356 -14.66 16.36 -7.63
C ILE A 356 -13.25 15.79 -7.56
N PHE A 357 -12.85 15.03 -8.59
CA PHE A 357 -11.57 14.33 -8.57
C PHE A 357 -10.43 15.10 -9.21
N PHE A 358 -10.66 16.30 -9.72
CA PHE A 358 -9.57 17.15 -10.21
C PHE A 358 -9.76 18.57 -9.69
N PRO A 359 -9.82 18.74 -8.36
CA PRO A 359 -10.25 20.03 -7.80
C PRO A 359 -9.38 21.22 -8.22
N GLY A 360 -8.07 21.13 -8.10
CA GLY A 360 -7.34 22.33 -8.46
C GLY A 360 -7.22 22.65 -9.92
N VAL A 361 -7.67 21.76 -10.80
CA VAL A 361 -7.30 21.78 -12.21
C VAL A 361 -8.10 22.83 -12.97
N SER A 362 -7.46 23.42 -13.98
CA SER A 362 -8.09 24.45 -14.81
C SER A 362 -9.28 23.89 -15.59
N GLU A 363 -10.07 24.81 -16.15
CA GLU A 363 -11.20 24.41 -16.99
C GLU A 363 -10.72 23.65 -18.22
N PHE A 364 -9.68 24.16 -18.87
CA PHE A 364 -9.13 23.50 -20.05
C PHE A 364 -8.64 22.10 -19.71
N GLY A 365 -7.90 21.98 -18.60
CA GLY A 365 -7.45 20.68 -18.15
C GLY A 365 -8.57 19.66 -18.05
N LYS A 366 -9.71 20.06 -17.47
CA LYS A 366 -10.78 19.08 -17.31
C LYS A 366 -11.45 18.79 -18.64
N GLU A 367 -11.51 19.78 -19.54
CA GLU A 367 -12.00 19.52 -20.89
C GLU A 367 -11.11 18.54 -21.62
N SER A 368 -9.80 18.61 -21.39
CA SER A 368 -8.91 17.67 -22.07
C SER A 368 -9.13 16.25 -21.56
N ILE A 369 -9.44 16.08 -20.27
CA ILE A 369 -9.80 14.76 -19.77
C ILE A 369 -11.07 14.28 -20.46
N LEU A 370 -12.09 15.13 -20.49
CA LEU A 370 -13.34 14.78 -21.14
C LEU A 370 -13.13 14.40 -22.59
N PHE A 371 -12.40 15.24 -23.33
CA PHE A 371 -12.19 15.00 -24.75
C PHE A 371 -11.55 13.64 -25.02
N HIS A 372 -10.56 13.25 -24.23
CA HIS A 372 -9.85 12.02 -24.55
C HIS A 372 -10.60 10.76 -24.10
N TYR A 373 -11.50 10.85 -23.13
CA TYR A 373 -12.20 9.67 -22.65
C TYR A 373 -13.64 9.57 -23.11
N THR A 374 -14.13 10.48 -23.94
CA THR A 374 -15.54 10.47 -24.33
C THR A 374 -15.75 10.38 -25.84
N ASP A 375 -14.74 10.01 -26.60
CA ASP A 375 -14.96 9.66 -28.00
C ASP A 375 -15.42 8.21 -28.04
N TRP A 376 -16.72 8.00 -28.26
CA TRP A 376 -17.37 6.73 -27.96
C TRP A 376 -17.30 5.75 -29.13
N VAL A 377 -17.09 4.47 -28.79
CA VAL A 377 -17.37 3.38 -29.72
C VAL A 377 -18.87 3.30 -29.99
N ASP A 378 -19.70 3.88 -29.12
CA ASP A 378 -21.15 3.85 -29.24
C ASP A 378 -21.75 4.87 -28.29
N ASP A 379 -22.15 6.03 -28.82
CA ASP A 379 -22.66 7.08 -27.95
C ASP A 379 -24.01 6.74 -27.34
N GLN A 380 -24.63 5.65 -27.77
CA GLN A 380 -25.93 5.23 -27.28
C GLN A 380 -25.87 4.30 -26.07
N ARG A 381 -24.70 3.72 -25.77
CA ARG A 381 -24.50 2.90 -24.58
C ARG A 381 -24.72 3.75 -23.33
N PRO A 382 -25.64 3.37 -22.43
CA PRO A 382 -25.97 4.24 -21.29
C PRO A 382 -24.93 4.26 -20.19
N GLU A 383 -24.08 3.26 -20.08
CA GLU A 383 -23.04 3.27 -19.06
C GLU A 383 -21.75 3.93 -19.54
N ASN A 384 -21.77 4.60 -20.70
CA ASN A 384 -20.57 5.24 -21.23
C ASN A 384 -19.90 6.15 -20.21
N TYR A 385 -20.66 7.10 -19.66
CA TYR A 385 -20.05 8.08 -18.76
C TYR A 385 -19.68 7.45 -17.41
N ARG A 386 -20.44 6.44 -16.96
CA ARG A 386 -20.10 5.76 -15.71
C ARG A 386 -18.76 5.03 -15.83
N GLU A 387 -18.51 4.37 -16.96
CA GLU A 387 -17.27 3.63 -17.11
C GLU A 387 -16.09 4.54 -17.41
N ALA A 388 -16.34 5.66 -18.09
CA ALA A 388 -15.26 6.62 -18.36
C ALA A 388 -14.73 7.22 -17.06
N LEU A 389 -15.62 7.57 -16.13
CA LEU A 389 -15.15 8.20 -14.90
C LEU A 389 -14.27 7.25 -14.10
N GLY A 390 -14.70 5.99 -13.96
CA GLY A 390 -13.85 4.99 -13.31
C GLY A 390 -12.49 4.85 -13.96
N ASP A 391 -12.47 4.75 -15.29
CA ASP A 391 -11.19 4.64 -16.00
C ASP A 391 -10.34 5.89 -15.82
N VAL A 392 -10.98 7.06 -15.76
CA VAL A 392 -10.23 8.30 -15.56
C VAL A 392 -9.51 8.25 -14.22
N VAL A 393 -10.23 7.88 -13.17
CA VAL A 393 -9.64 7.88 -11.83
C VAL A 393 -8.60 6.79 -11.73
N GLY A 394 -8.89 5.61 -12.29
CA GLY A 394 -7.95 4.51 -12.23
C GLY A 394 -6.68 4.78 -13.01
N ASP A 395 -6.80 5.26 -14.25
CA ASP A 395 -5.62 5.45 -15.08
C ASP A 395 -4.74 6.56 -14.54
N TYR A 396 -5.35 7.67 -14.10
CA TYR A 396 -4.58 8.79 -13.60
C TYR A 396 -3.91 8.47 -12.26
N ASN A 397 -4.61 7.81 -11.35
CA ASN A 397 -4.08 7.66 -10.00
C ASN A 397 -3.27 6.39 -9.77
N PHE A 398 -3.44 5.34 -10.57
CA PHE A 398 -2.73 4.09 -10.27
C PHE A 398 -2.03 3.45 -11.45
N ILE A 399 -2.74 3.25 -12.57
CA ILE A 399 -2.23 2.38 -13.61
C ILE A 399 -1.09 3.05 -14.37
N CYS A 400 -1.33 4.27 -14.88
CA CYS A 400 -0.29 4.97 -15.61
C CYS A 400 0.94 5.29 -14.74
N PRO A 401 0.81 5.74 -13.49
CA PRO A 401 2.03 5.94 -12.69
C PRO A 401 2.80 4.65 -12.47
N ALA A 402 2.09 3.54 -12.22
CA ALA A 402 2.76 2.25 -12.06
C ALA A 402 3.48 1.84 -13.34
N LEU A 403 2.81 2.00 -14.48
CA LEU A 403 3.46 1.70 -15.74
C LEU A 403 4.71 2.55 -15.94
N GLU A 404 4.61 3.86 -15.67
CA GLU A 404 5.76 4.75 -15.84
C GLU A 404 6.88 4.41 -14.87
N PHE A 405 6.53 4.04 -13.64
CA PHE A 405 7.58 3.62 -12.69
C PHE A 405 8.32 2.38 -13.21
N THR A 406 7.59 1.38 -13.71
CA THR A 406 8.24 0.17 -14.19
C THR A 406 9.16 0.47 -15.37
N LYS A 407 8.67 1.24 -16.34
CA LYS A 407 9.45 1.63 -17.51
C LYS A 407 10.76 2.32 -17.10
N LYS A 408 10.65 3.32 -16.24
CA LYS A 408 11.83 4.09 -15.85
C LYS A 408 12.77 3.23 -15.03
N PHE A 409 12.22 2.40 -14.14
CA PHE A 409 13.08 1.58 -13.30
C PHE A 409 13.85 0.56 -14.12
N SER A 410 13.20 -0.06 -15.11
CA SER A 410 13.89 -1.10 -15.88
C SER A 410 14.91 -0.52 -16.84
N GLU A 411 14.81 0.76 -17.19
CA GLU A 411 15.78 1.34 -18.12
C GLU A 411 17.19 1.31 -17.56
N TRP A 412 17.35 1.11 -16.27
CA TRP A 412 18.68 0.97 -15.69
C TRP A 412 19.11 -0.47 -15.54
N GLY A 413 18.52 -1.39 -16.31
CA GLY A 413 19.09 -2.71 -16.49
C GLY A 413 18.47 -3.82 -15.66
N ASN A 414 17.65 -3.51 -14.66
CA ASN A 414 17.12 -4.55 -13.79
C ASN A 414 15.89 -5.23 -14.37
N ASN A 415 15.74 -6.49 -14.02
CA ASN A 415 14.56 -7.26 -14.36
C ASN A 415 13.32 -6.72 -13.66
N ALA A 416 12.24 -6.56 -14.42
CA ALA A 416 10.98 -6.10 -13.87
C ALA A 416 9.88 -6.91 -14.51
N PHE A 417 8.86 -7.24 -13.72
CA PHE A 417 7.73 -8.04 -14.17
C PHE A 417 6.43 -7.31 -13.86
N PHE A 418 5.57 -7.20 -14.85
CA PHE A 418 4.33 -6.44 -14.70
C PHE A 418 3.14 -7.35 -14.95
N TYR A 419 2.15 -7.27 -14.05
CA TYR A 419 0.95 -8.07 -14.13
C TYR A 419 -0.26 -7.16 -14.28
N TYR A 420 -1.36 -7.75 -14.74
CA TYR A 420 -2.64 -7.06 -14.89
C TYR A 420 -3.70 -7.98 -14.30
N PHE A 421 -4.13 -7.69 -13.08
CA PHE A 421 -5.08 -8.56 -12.39
C PHE A 421 -6.51 -8.24 -12.86
N GLU A 422 -7.20 -9.26 -13.39
CA GLU A 422 -8.51 -9.03 -13.98
C GLU A 422 -9.52 -10.09 -13.58
N HIS A 423 -9.43 -10.61 -12.36
CA HIS A 423 -10.45 -11.53 -11.87
C HIS A 423 -11.27 -10.86 -10.77
N ARG A 424 -12.59 -10.86 -10.95
CA ARG A 424 -13.48 -10.33 -9.91
C ARG A 424 -13.85 -11.43 -8.92
N SER A 425 -13.62 -11.18 -7.64
CA SER A 425 -13.87 -12.19 -6.61
C SER A 425 -15.32 -12.67 -6.68
N SER A 426 -15.52 -13.97 -6.61
CA SER A 426 -16.88 -14.53 -6.63
C SER A 426 -17.66 -14.11 -5.40
N LYS A 427 -16.97 -13.84 -4.29
CA LYS A 427 -17.60 -13.42 -3.05
C LYS A 427 -17.73 -11.90 -2.94
N LEU A 428 -17.43 -11.15 -3.99
CA LEU A 428 -17.36 -9.69 -3.86
C LEU A 428 -18.71 -9.12 -3.44
N PRO A 429 -18.78 -8.34 -2.35
CA PRO A 429 -20.05 -7.74 -1.94
C PRO A 429 -20.39 -6.40 -2.60
N TRP A 430 -19.42 -5.71 -3.20
CA TRP A 430 -19.72 -4.51 -3.94
C TRP A 430 -20.48 -4.85 -5.24
N PRO A 431 -21.19 -3.86 -5.81
CA PRO A 431 -21.97 -4.15 -7.02
C PRO A 431 -21.11 -4.52 -8.23
N GLU A 432 -21.75 -5.08 -9.24
CA GLU A 432 -21.03 -5.61 -10.39
C GLU A 432 -20.45 -4.52 -11.27
N TRP A 433 -21.06 -3.33 -11.29
CA TRP A 433 -20.48 -2.29 -12.13
C TRP A 433 -19.11 -1.83 -11.63
N MET A 434 -18.70 -2.21 -10.43
CA MET A 434 -17.36 -1.85 -9.95
C MET A 434 -16.28 -2.76 -10.49
N GLY A 435 -16.63 -3.93 -11.02
CA GLY A 435 -15.66 -4.76 -11.72
C GLY A 435 -14.57 -5.34 -10.82
N VAL A 436 -13.32 -5.29 -11.31
CA VAL A 436 -12.16 -5.86 -10.61
C VAL A 436 -11.53 -4.75 -9.78
N MET A 437 -11.89 -4.72 -8.49
CA MET A 437 -11.73 -3.54 -7.67
C MET A 437 -10.33 -3.38 -7.10
N HIS A 438 -9.97 -2.12 -6.85
CA HIS A 438 -8.80 -1.79 -6.06
C HIS A 438 -8.82 -2.55 -4.74
N GLY A 439 -7.72 -3.26 -4.45
CA GLY A 439 -7.54 -3.95 -3.20
C GLY A 439 -8.01 -5.39 -3.18
N TYR A 440 -8.72 -5.84 -4.20
CA TYR A 440 -9.31 -7.17 -4.11
C TYR A 440 -8.49 -8.22 -4.83
N GLU A 441 -7.21 -7.95 -5.06
CA GLU A 441 -6.26 -8.99 -5.37
C GLU A 441 -5.51 -9.46 -4.14
N ILE A 442 -5.49 -8.65 -3.06
CA ILE A 442 -4.70 -8.97 -1.89
C ILE A 442 -5.03 -10.35 -1.35
N GLU A 443 -6.33 -10.63 -1.24
CA GLU A 443 -6.72 -11.92 -0.66
C GLU A 443 -6.23 -13.07 -1.53
N PHE A 444 -6.08 -12.87 -2.83
CA PHE A 444 -5.50 -13.94 -3.64
C PHE A 444 -4.01 -14.09 -3.37
N VAL A 445 -3.31 -12.97 -3.14
CA VAL A 445 -1.88 -13.02 -2.87
C VAL A 445 -1.60 -13.73 -1.55
N PHE A 446 -2.45 -13.51 -0.54
CA PHE A 446 -2.25 -14.12 0.77
C PHE A 446 -2.85 -15.51 0.86
N GLY A 447 -3.46 -16.00 -0.22
CA GLY A 447 -3.88 -17.38 -0.28
C GLY A 447 -5.16 -17.68 0.46
N LEU A 448 -5.99 -16.69 0.70
CA LEU A 448 -7.28 -16.96 1.32
C LEU A 448 -8.12 -17.95 0.51
N PRO A 449 -8.19 -17.90 -0.82
CA PRO A 449 -8.97 -18.91 -1.55
C PRO A 449 -8.38 -20.30 -1.48
N LEU A 450 -7.17 -20.47 -0.93
CA LEU A 450 -6.72 -21.83 -0.65
C LEU A 450 -7.55 -22.49 0.46
N GLU A 451 -8.30 -21.72 1.23
CA GLU A 451 -9.17 -22.29 2.25
C GLU A 451 -10.47 -22.76 1.61
N ARG A 452 -10.61 -24.07 1.44
CA ARG A 452 -11.81 -24.63 0.80
C ARG A 452 -13.08 -24.36 1.60
N ARG A 453 -12.95 -24.04 2.89
CA ARG A 453 -14.10 -23.71 3.70
C ARG A 453 -14.66 -22.31 3.43
N ASP A 454 -13.94 -21.46 2.71
CA ASP A 454 -14.25 -20.03 2.61
C ASP A 454 -15.15 -19.67 1.43
N GLN A 455 -15.77 -20.64 0.76
CA GLN A 455 -16.75 -20.38 -0.29
C GLN A 455 -16.16 -19.65 -1.50
N TYR A 456 -14.90 -19.89 -1.84
CA TYR A 456 -14.42 -19.48 -3.15
C TYR A 456 -14.64 -20.63 -4.13
N THR A 457 -14.67 -20.30 -5.42
CA THR A 457 -14.78 -21.34 -6.43
C THR A 457 -13.47 -22.12 -6.55
N LYS A 458 -13.56 -23.25 -7.24
CA LYS A 458 -12.35 -24.06 -7.47
C LYS A 458 -11.35 -23.31 -8.35
N ALA A 459 -11.84 -22.63 -9.39
CA ALA A 459 -10.95 -21.89 -10.27
C ALA A 459 -10.23 -20.78 -9.52
N GLU A 460 -10.84 -20.25 -8.47
CA GLU A 460 -10.19 -19.22 -7.68
C GLU A 460 -9.11 -19.80 -6.77
N GLU A 461 -9.36 -20.98 -6.23
CA GLU A 461 -8.33 -21.72 -5.50
C GLU A 461 -7.10 -21.97 -6.37
N ILE A 462 -7.31 -22.33 -7.64
CA ILE A 462 -6.18 -22.58 -8.52
C ILE A 462 -5.45 -21.27 -8.85
N LEU A 463 -6.19 -20.19 -9.06
CA LEU A 463 -5.56 -18.91 -9.36
C LEU A 463 -4.75 -18.41 -8.18
N SER A 464 -5.30 -18.53 -6.97
CA SER A 464 -4.55 -18.12 -5.79
C SER A 464 -3.31 -18.97 -5.62
N ARG A 465 -3.43 -20.27 -5.81
CA ARG A 465 -2.26 -21.14 -5.64
C ARG A 465 -1.17 -20.76 -6.63
N SER A 466 -1.54 -20.47 -7.88
N SER A 466 -1.54 -20.45 -7.88
CA SER A 466 -0.55 -20.08 -8.87
CA SER A 466 -0.53 -20.07 -8.86
C SER A 466 0.08 -18.73 -8.51
C SER A 466 0.08 -18.71 -8.52
N ILE A 467 -0.73 -17.77 -8.04
CA ILE A 467 -0.19 -16.46 -7.68
C ILE A 467 0.74 -16.56 -6.48
N VAL A 468 0.37 -17.41 -5.52
CA VAL A 468 1.21 -17.58 -4.35
C VAL A 468 2.55 -18.21 -4.73
N LYS A 469 2.56 -19.14 -5.70
CA LYS A 469 3.83 -19.71 -6.12
C LYS A 469 4.67 -18.66 -6.85
N ARG A 470 4.05 -17.87 -7.73
CA ARG A 470 4.80 -16.86 -8.47
C ARG A 470 5.41 -15.83 -7.53
N TRP A 471 4.62 -15.32 -6.58
CA TRP A 471 5.15 -14.37 -5.60
C TRP A 471 6.28 -14.98 -4.79
N ALA A 472 6.14 -16.24 -4.39
CA ALA A 472 7.18 -16.83 -3.55
C ALA A 472 8.44 -17.06 -4.36
N ASN A 473 8.29 -17.58 -5.58
CA ASN A 473 9.44 -17.73 -6.46
C ASN A 473 10.09 -16.40 -6.78
N PHE A 474 9.31 -15.31 -6.83
CA PHE A 474 9.96 -14.00 -7.03
C PHE A 474 10.79 -13.64 -5.81
N ALA A 475 10.24 -13.84 -4.61
CA ALA A 475 10.99 -13.53 -3.41
C ALA A 475 12.25 -14.39 -3.30
N LYS A 476 12.09 -15.71 -3.43
CA LYS A 476 13.22 -16.63 -3.26
C LYS A 476 14.28 -16.43 -4.34
N TYR A 477 13.86 -16.33 -5.61
CA TYR A 477 14.81 -16.45 -6.71
C TYR A 477 14.81 -15.26 -7.67
N GLY A 478 14.01 -14.23 -7.44
CA GLY A 478 13.99 -13.08 -8.31
C GLY A 478 13.27 -13.25 -9.62
N ASN A 479 12.41 -14.26 -9.74
CA ASN A 479 11.83 -14.65 -11.03
C ASN A 479 10.43 -15.26 -10.79
N PRO A 480 9.35 -14.58 -11.21
CA PRO A 480 7.99 -14.97 -10.76
C PRO A 480 7.35 -16.07 -11.63
N GLN A 481 8.05 -17.20 -11.78
CA GLN A 481 7.56 -18.27 -12.61
C GLN A 481 6.85 -19.34 -11.79
N GLU A 482 5.91 -20.03 -12.43
CA GLU A 482 5.35 -21.29 -11.95
C GLU A 482 5.86 -22.34 -12.92
N THR A 483 6.84 -23.13 -12.48
CA THR A 483 7.61 -23.98 -13.40
C THR A 483 7.05 -25.39 -13.58
N GLN A 484 6.09 -25.82 -12.77
CA GLN A 484 5.74 -27.24 -12.79
C GLN A 484 4.44 -27.56 -13.50
N ASN A 485 3.53 -26.61 -13.64
CA ASN A 485 2.19 -26.89 -14.12
C ASN A 485 1.95 -26.31 -15.51
N GLN A 486 2.98 -26.41 -16.38
CA GLN A 486 2.89 -25.96 -17.77
C GLN A 486 2.37 -24.53 -17.87
N SER A 487 2.81 -23.67 -16.95
CA SER A 487 2.23 -22.34 -16.88
C SER A 487 2.88 -21.41 -17.90
N THR A 488 2.17 -20.34 -18.21
CA THR A 488 2.72 -19.30 -19.09
C THR A 488 3.98 -18.73 -18.44
N SER A 489 5.06 -18.63 -19.22
CA SER A 489 6.25 -17.97 -18.71
C SER A 489 5.98 -16.47 -18.64
N TRP A 490 6.38 -15.87 -17.52
CA TRP A 490 6.16 -14.45 -17.32
C TRP A 490 7.40 -13.71 -17.84
N PRO A 491 7.31 -12.97 -18.95
CA PRO A 491 8.49 -12.30 -19.50
C PRO A 491 8.84 -11.03 -18.74
N VAL A 492 10.11 -10.64 -18.86
CA VAL A 492 10.53 -9.39 -18.24
C VAL A 492 9.90 -8.23 -18.99
N PHE A 493 9.59 -7.17 -18.25
CA PHE A 493 9.06 -5.92 -18.81
C PHE A 493 10.23 -5.05 -19.26
N LYS A 494 10.24 -4.67 -20.53
CA LYS A 494 11.27 -3.83 -21.09
C LYS A 494 10.61 -2.60 -21.71
N SER A 495 11.32 -1.46 -21.70
CA SER A 495 10.68 -0.21 -22.10
C SER A 495 10.36 -0.20 -23.59
N THR A 496 11.11 -0.93 -24.40
CA THR A 496 10.74 -1.08 -25.80
C THR A 496 9.43 -1.85 -25.95
N GLU A 497 9.40 -3.11 -25.53
CA GLU A 497 8.27 -3.97 -25.85
C GLU A 497 7.14 -3.93 -24.83
N GLN A 498 7.44 -3.72 -23.55
CA GLN A 498 6.42 -3.52 -22.49
C GLN A 498 5.46 -4.71 -22.38
N LYS A 499 6.00 -5.92 -22.33
CA LYS A 499 5.16 -7.10 -22.14
C LYS A 499 4.70 -7.20 -20.68
N TYR A 500 3.46 -7.65 -20.49
CA TYR A 500 2.90 -7.92 -19.16
C TYR A 500 2.08 -9.20 -19.18
N LEU A 501 1.81 -9.72 -17.99
CA LEU A 501 1.11 -10.99 -17.79
C LEU A 501 -0.28 -10.73 -17.19
N THR A 502 -1.31 -11.34 -17.77
CA THR A 502 -2.64 -11.18 -17.19
C THR A 502 -2.94 -12.32 -16.22
N LEU A 503 -3.55 -11.99 -15.09
CA LEU A 503 -3.92 -12.95 -14.07
C LEU A 503 -5.43 -13.06 -14.05
N ASN A 504 -5.94 -14.24 -14.39
CA ASN A 504 -7.37 -14.51 -14.37
C ASN A 504 -7.57 -16.01 -14.13
N THR A 505 -8.82 -16.42 -13.96
CA THR A 505 -9.04 -17.84 -13.68
C THR A 505 -8.90 -18.72 -14.92
N GLU A 506 -9.06 -18.14 -16.11
CA GLU A 506 -9.18 -18.95 -17.32
C GLU A 506 -7.83 -19.18 -18.00
N SER A 507 -7.36 -18.22 -18.78
CA SER A 507 -6.12 -18.36 -19.52
C SER A 507 -5.24 -17.16 -19.27
N THR A 508 -4.04 -17.41 -18.78
CA THR A 508 -3.05 -16.37 -18.52
C THR A 508 -2.36 -15.97 -19.83
N ARG A 509 -2.32 -14.67 -20.11
CA ARG A 509 -1.91 -14.19 -21.42
C ARG A 509 -0.76 -13.20 -21.32
N ILE A 510 0.10 -13.22 -22.33
CA ILE A 510 1.11 -12.18 -22.50
C ILE A 510 0.57 -11.14 -23.45
N MET A 511 0.49 -9.89 -22.99
CA MET A 511 0.11 -8.77 -23.84
CA MET A 511 0.09 -8.73 -23.77
C MET A 511 1.20 -7.70 -23.78
N THR A 512 0.98 -6.62 -24.53
CA THR A 512 1.95 -5.54 -24.65
C THR A 512 1.26 -4.19 -24.52
N LYS A 513 1.95 -3.24 -23.86
CA LYS A 513 1.64 -1.81 -23.91
C LYS A 513 0.26 -1.50 -23.33
N LEU A 514 0.07 -1.91 -22.07
CA LEU A 514 -1.16 -1.63 -21.34
C LEU A 514 -1.49 -0.13 -21.35
N ARG A 515 -2.73 0.20 -21.71
CA ARG A 515 -3.27 1.57 -21.62
C ARG A 515 -2.44 2.58 -22.42
N ALA A 516 -1.95 2.15 -23.58
CA ALA A 516 -0.99 2.95 -24.33
C ALA A 516 -1.52 4.35 -24.67
N GLN A 517 -2.73 4.43 -25.24
CA GLN A 517 -3.29 5.73 -25.58
C GLN A 517 -3.58 6.55 -24.32
N GLN A 518 -4.16 5.92 -23.30
CA GLN A 518 -4.52 6.66 -22.11
C GLN A 518 -3.28 7.17 -21.39
N CYS A 519 -2.22 6.37 -21.33
CA CYS A 519 -1.09 6.80 -20.52
C CYS A 519 -0.22 7.81 -21.24
N ARG A 520 -0.22 7.84 -22.57
CA ARG A 520 0.43 8.97 -23.25
C ARG A 520 -0.27 10.27 -22.92
N PHE A 521 -1.58 10.23 -22.71
CA PHE A 521 -2.29 11.43 -22.29
C PHE A 521 -1.88 11.85 -20.89
N TRP A 522 -1.91 10.91 -19.93
CA TRP A 522 -1.68 11.28 -18.53
C TRP A 522 -0.22 11.55 -18.23
N THR A 523 0.70 10.94 -18.97
CA THR A 523 2.12 11.02 -18.64
C THR A 523 2.86 12.09 -19.42
N SER A 524 2.43 12.41 -20.65
CA SER A 524 3.07 13.43 -21.47
C SER A 524 2.28 14.73 -21.54
N PHE A 525 0.98 14.66 -21.79
CA PHE A 525 0.17 15.87 -21.87
C PHE A 525 -0.16 16.44 -20.50
N PHE A 526 -1.00 15.72 -19.75
CA PHE A 526 -1.65 16.28 -18.57
C PHE A 526 -0.72 16.96 -17.57
N PRO A 527 0.50 16.48 -17.28
CA PRO A 527 1.36 17.21 -16.32
C PRO A 527 1.64 18.65 -16.70
N LYS A 528 1.54 19.01 -17.98
CA LYS A 528 1.77 20.39 -18.36
C LYS A 528 0.65 21.31 -17.83
N VAL A 529 -0.59 20.83 -17.83
CA VAL A 529 -1.74 21.68 -17.47
C VAL A 529 -1.71 22.14 -15.99
#